data_4Q36
#
_entry.id   4Q36
#
_cell.length_a   133.298
_cell.length_b   133.298
_cell.length_c   49.112
_cell.angle_alpha   90.00
_cell.angle_beta   90.00
_cell.angle_gamma   120.00
#
_symmetry.space_group_name_H-M   'P 65'
#
loop_
_entity.id
_entity.type
_entity.pdbx_description
1 polymer 'Putative uncharacterized protein tcp24'
2 non-polymer 'SULFATE ION'
3 non-polymer 2-amino-2-deoxy-beta-D-glucopyranose
4 non-polymer 'OCTANOYL-COENZYME A'
5 water water
#
_entity_poly.entity_id   1
_entity_poly.type   'polypeptide(L)'
_entity_poly.pdbx_seq_one_letter_code
;MGSSHHHHHHSSGLVMDPETVRIALGLEERTAAWLTELDELGPPAEPVRLPRGEEARDLLRRLEVPELDAEEIVAAAPDP
DRDPALWWLLERTHHAIVRHMGDHRAKPRGGPPLPYEGGAAARYFHVYVFLATVPAVRRFHAERGIPDEVGWETLTQLGE
LVAIHRRKYGQGGMNMQWWTTYHLRGILYRLGRLQFSLATGKDGTPHLGLHVPEWGGPLLPKAYDESLHRARPFFDRHFP
EHGARVAWGSSWMLDPQLEEYLTEDSNIIQLARFWTLTDSAPEPGNADGDSSILEFVFRYNGQPLDELPQRSSLERAVIA
HLKAGRHWHMRTGFVKLP
;
_entity_poly.pdbx_strand_id   A
#
loop_
_chem_comp.id
_chem_comp.type
_chem_comp.name
_chem_comp.formula
CO8 non-polymer 'OCTANOYL-COENZYME A' 'C29 H50 N7 O17 P3 S'
GCS D-saccharide, beta linking 2-amino-2-deoxy-beta-D-glucopyranose 'C6 H13 N O5'
SO4 non-polymer 'SULFATE ION' 'O4 S -2'
#
# COMPACT_ATOMS: atom_id res chain seq x y z
N MET A 16 -26.74 -15.15 -6.98
CA MET A 16 -26.60 -13.85 -6.28
C MET A 16 -26.50 -12.74 -7.29
N ASP A 17 -27.03 -11.57 -6.97
CA ASP A 17 -26.90 -10.42 -7.88
C ASP A 17 -26.24 -9.22 -7.16
N PRO A 18 -25.62 -8.30 -7.93
CA PRO A 18 -24.91 -7.15 -7.36
C PRO A 18 -25.73 -6.27 -6.39
N GLU A 19 -27.02 -6.11 -6.65
CA GLU A 19 -27.91 -5.41 -5.72
C GLU A 19 -28.13 -6.19 -4.42
N THR A 20 -28.21 -7.51 -4.51
CA THR A 20 -28.41 -8.34 -3.30
C THR A 20 -27.15 -8.26 -2.48
N VAL A 21 -26.01 -8.54 -3.14
CA VAL A 21 -24.68 -8.44 -2.53
C VAL A 21 -24.50 -7.08 -1.87
N ARG A 22 -24.75 -6.02 -2.63
CA ARG A 22 -24.57 -4.65 -2.11
C ARG A 22 -25.32 -4.42 -0.81
N ILE A 23 -26.61 -4.78 -0.81
CA ILE A 23 -27.49 -4.58 0.35
C ILE A 23 -27.11 -5.53 1.50
N ALA A 24 -26.81 -6.79 1.18
CA ALA A 24 -26.38 -7.75 2.21
C ALA A 24 -25.18 -7.22 2.99
N LEU A 25 -24.23 -6.64 2.29
CA LEU A 25 -22.99 -6.20 2.93
C LEU A 25 -23.10 -4.78 3.46
N GLY A 26 -24.10 -4.06 3.01
CA GLY A 26 -24.35 -2.71 3.51
C GLY A 26 -23.45 -1.66 2.90
N LEU A 27 -23.09 -1.89 1.65
CA LEU A 27 -22.31 -0.95 0.86
C LEU A 27 -23.17 0.22 0.33
N GLU A 28 -22.57 1.41 0.29
CA GLU A 28 -23.19 2.63 -0.26
C GLU A 28 -23.67 2.41 -1.69
N GLU A 29 -24.73 3.13 -2.09
CA GLU A 29 -25.27 3.01 -3.45
C GLU A 29 -24.20 3.37 -4.47
N ARG A 30 -23.35 4.31 -4.06
CA ARG A 30 -22.10 4.69 -4.71
C ARG A 30 -21.35 3.50 -5.35
N THR A 31 -21.33 2.33 -4.70
CA THR A 31 -20.52 1.17 -5.16
C THR A 31 -21.17 0.27 -6.22
N ALA A 32 -22.41 0.59 -6.60
CA ALA A 32 -23.19 -0.26 -7.50
C ALA A 32 -22.50 -0.50 -8.82
N ALA A 33 -21.83 0.54 -9.33
CA ALA A 33 -21.11 0.49 -10.61
C ALA A 33 -19.96 -0.51 -10.56
N TRP A 34 -19.14 -0.42 -9.52
CA TRP A 34 -18.10 -1.42 -9.21
C TRP A 34 -18.69 -2.82 -9.15
N LEU A 35 -19.79 -2.96 -8.41
CA LEU A 35 -20.41 -4.27 -8.23
C LEU A 35 -20.92 -4.85 -9.55
N THR A 36 -21.44 -3.98 -10.41
CA THR A 36 -21.91 -4.38 -11.74
C THR A 36 -20.72 -4.83 -12.60
N GLU A 37 -19.65 -4.06 -12.54
CA GLU A 37 -18.40 -4.41 -13.24
C GLU A 37 -17.92 -5.81 -12.85
N LEU A 38 -17.77 -6.04 -11.54
CA LEU A 38 -17.40 -7.36 -10.98
C LEU A 38 -18.38 -8.45 -11.42
N ASP A 39 -19.66 -8.09 -11.43
CA ASP A 39 -20.72 -8.97 -11.86
C ASP A 39 -20.45 -9.46 -13.29
N GLU A 40 -20.24 -8.52 -14.21
CA GLU A 40 -19.89 -8.83 -15.61
C GLU A 40 -18.63 -9.67 -15.69
N LEU A 41 -17.62 -9.30 -14.92
CA LEU A 41 -16.34 -9.98 -14.93
C LEU A 41 -16.45 -11.47 -14.60
N GLY A 42 -17.28 -11.79 -13.61
CA GLY A 42 -17.53 -13.19 -13.20
C GLY A 42 -16.43 -13.75 -12.32
N PRO A 43 -16.59 -15.03 -11.89
CA PRO A 43 -15.58 -15.71 -11.07
C PRO A 43 -14.31 -15.98 -11.84
N PRO A 44 -13.18 -16.20 -11.15
CA PRO A 44 -11.94 -16.48 -11.88
C PRO A 44 -11.94 -17.89 -12.45
N ALA A 45 -11.15 -18.12 -13.49
CA ALA A 45 -10.98 -19.44 -14.07
C ALA A 45 -10.46 -20.38 -13.00
N GLU A 46 -9.45 -19.93 -12.25
CA GLU A 46 -8.94 -20.68 -11.12
C GLU A 46 -9.73 -20.30 -9.88
N PRO A 47 -10.59 -21.22 -9.38
CA PRO A 47 -11.49 -20.87 -8.28
C PRO A 47 -10.70 -20.44 -7.04
N VAL A 48 -11.26 -19.49 -6.30
CA VAL A 48 -10.60 -18.92 -5.14
C VAL A 48 -10.40 -20.00 -4.08
N ARG A 49 -9.21 -20.05 -3.50
CA ARG A 49 -8.94 -20.96 -2.38
C ARG A 49 -8.29 -20.17 -1.26
N LEU A 50 -8.89 -20.24 -0.06
CA LEU A 50 -8.26 -19.72 1.14
C LEU A 50 -7.50 -20.81 1.85
N PRO A 51 -6.22 -20.57 2.13
CA PRO A 51 -5.48 -21.47 3.00
C PRO A 51 -6.18 -21.56 4.36
N ARG A 52 -6.12 -22.72 5.02
CA ARG A 52 -6.82 -22.88 6.30
C ARG A 52 -5.85 -23.40 7.34
N GLY A 53 -6.21 -23.23 8.61
CA GLY A 53 -5.45 -23.80 9.72
C GLY A 53 -3.98 -23.44 9.67
N GLU A 54 -3.12 -24.44 9.84
CA GLU A 54 -1.69 -24.15 9.96
C GLU A 54 -1.02 -23.71 8.66
N GLU A 55 -1.62 -24.06 7.52
CA GLU A 55 -1.22 -23.51 6.23
C GLU A 55 -1.46 -21.98 6.21
N ALA A 56 -2.59 -21.55 6.75
CA ALA A 56 -2.88 -20.14 6.81
C ALA A 56 -1.95 -19.45 7.81
N ARG A 57 -1.64 -20.14 8.91
CA ARG A 57 -0.74 -19.58 9.91
C ARG A 57 0.65 -19.39 9.36
N ASP A 58 1.09 -20.36 8.57
CA ASP A 58 2.43 -20.32 8.03
C ASP A 58 2.56 -19.15 7.07
N LEU A 59 1.59 -19.03 6.15
CA LEU A 59 1.54 -17.95 5.17
C LEU A 59 1.53 -16.58 5.85
N LEU A 60 0.61 -16.39 6.79
CA LEU A 60 0.54 -15.13 7.54
C LEU A 60 1.84 -14.80 8.23
N ARG A 61 2.50 -15.81 8.76
CA ARG A 61 3.72 -15.63 9.49
C ARG A 61 4.79 -15.19 8.51
N ARG A 62 4.87 -15.89 7.39
CA ARG A 62 5.71 -15.48 6.27
C ARG A 62 5.43 -14.05 5.76
N LEU A 63 4.18 -13.60 5.81
CA LEU A 63 3.84 -12.25 5.40
C LEU A 63 3.96 -11.28 6.57
N GLU A 64 4.51 -11.79 7.67
CA GLU A 64 4.81 -10.94 8.84
C GLU A 64 3.59 -10.27 9.48
N VAL A 65 2.43 -10.89 9.35
CA VAL A 65 1.23 -10.42 10.05
C VAL A 65 1.42 -10.76 11.53
N PRO A 66 1.31 -9.76 12.44
CA PRO A 66 1.44 -10.05 13.89
C PRO A 66 0.51 -11.21 14.33
N GLU A 67 0.95 -12.00 15.32
CA GLU A 67 0.21 -13.20 15.79
C GLU A 67 -1.22 -12.92 16.24
N LEU A 68 -1.43 -11.83 16.98
CA LEU A 68 -2.78 -11.51 17.43
C LEU A 68 -3.72 -11.46 16.22
N ASP A 69 -3.32 -10.70 15.21
CA ASP A 69 -4.13 -10.56 13.99
C ASP A 69 -4.25 -11.87 13.20
N ALA A 70 -3.15 -12.62 13.12
CA ALA A 70 -3.14 -13.84 12.32
C ALA A 70 -4.13 -14.88 12.84
N GLU A 71 -4.19 -15.03 14.16
CA GLU A 71 -5.16 -15.90 14.84
C GLU A 71 -6.56 -15.51 14.47
N GLU A 72 -6.86 -14.22 14.59
CA GLU A 72 -8.19 -13.72 14.30
C GLU A 72 -8.51 -13.86 12.82
N ILE A 73 -7.51 -13.71 11.96
CA ILE A 73 -7.75 -13.82 10.52
C ILE A 73 -8.18 -15.26 10.21
N VAL A 74 -7.45 -16.22 10.76
CA VAL A 74 -7.73 -17.63 10.53
C VAL A 74 -9.11 -18.03 11.10
N ALA A 75 -9.41 -17.57 12.31
CA ALA A 75 -10.64 -17.93 12.99
C ALA A 75 -11.87 -17.46 12.24
N ALA A 76 -11.74 -16.30 11.59
CA ALA A 76 -12.89 -15.64 10.98
C ALA A 76 -13.00 -15.95 9.49
N ALA A 77 -12.06 -16.72 8.96
CA ALA A 77 -12.03 -17.03 7.53
C ALA A 77 -13.44 -17.38 7.05
N PRO A 78 -13.90 -16.71 5.99
CA PRO A 78 -15.27 -16.94 5.62
C PRO A 78 -15.43 -18.24 4.83
N ASP A 79 -16.67 -18.48 4.39
CA ASP A 79 -17.13 -19.76 3.91
C ASP A 79 -18.16 -19.50 2.80
N PRO A 80 -18.06 -20.24 1.66
CA PRO A 80 -18.97 -20.02 0.50
C PRO A 80 -20.47 -20.10 0.89
N ASP A 81 -20.82 -21.07 1.73
CA ASP A 81 -22.22 -21.33 2.09
C ASP A 81 -22.80 -20.40 3.15
N ARG A 82 -22.07 -20.17 4.23
CA ARG A 82 -22.51 -19.21 5.27
C ARG A 82 -22.34 -17.72 4.92
N ASP A 83 -21.36 -17.39 4.09
CA ASP A 83 -21.09 -15.99 3.76
C ASP A 83 -21.17 -15.80 2.26
N PRO A 84 -22.34 -16.10 1.63
CA PRO A 84 -22.36 -16.11 0.15
C PRO A 84 -22.16 -14.74 -0.51
N ALA A 85 -22.62 -13.67 0.13
CA ALA A 85 -22.41 -12.32 -0.41
C ALA A 85 -20.92 -11.99 -0.37
N LEU A 86 -20.30 -12.24 0.79
CA LEU A 86 -18.90 -11.91 1.00
C LEU A 86 -18.04 -12.76 0.12
N TRP A 87 -18.46 -14.00 -0.09
CA TRP A 87 -17.69 -14.92 -0.93
C TRP A 87 -17.80 -14.56 -2.40
N TRP A 88 -18.97 -14.07 -2.81
CA TRP A 88 -19.17 -13.62 -4.17
C TRP A 88 -18.20 -12.48 -4.48
N LEU A 89 -18.09 -11.54 -3.56
CA LEU A 89 -17.19 -10.39 -3.71
C LEU A 89 -15.70 -10.82 -3.67
N LEU A 90 -15.36 -11.71 -2.74
CA LEU A 90 -14.01 -12.22 -2.65
C LEU A 90 -13.50 -12.78 -3.99
N GLU A 91 -14.29 -13.61 -4.65
CA GLU A 91 -13.88 -14.19 -5.94
C GLU A 91 -13.76 -13.15 -7.04
N ARG A 92 -14.70 -12.23 -7.08
CA ARG A 92 -14.71 -11.26 -8.17
C ARG A 92 -13.63 -10.20 -7.97
N THR A 93 -13.34 -9.85 -6.71
CA THR A 93 -12.32 -8.86 -6.38
C THR A 93 -10.95 -9.49 -6.65
N HIS A 94 -10.77 -10.75 -6.27
CA HIS A 94 -9.58 -11.47 -6.67
C HIS A 94 -9.39 -11.47 -8.17
N HIS A 95 -10.48 -11.70 -8.89
CA HIS A 95 -10.44 -11.79 -10.35
C HIS A 95 -10.06 -10.48 -10.95
N ALA A 96 -10.64 -9.40 -10.42
CA ALA A 96 -10.37 -8.03 -10.88
C ALA A 96 -8.90 -7.59 -10.73
N ILE A 97 -8.19 -8.22 -9.79
CA ILE A 97 -6.79 -7.89 -9.58
C ILE A 97 -5.93 -8.71 -10.55
N VAL A 98 -6.15 -10.02 -10.57
CA VAL A 98 -5.32 -10.91 -11.38
C VAL A 98 -5.41 -10.64 -12.87
N ARG A 99 -6.56 -10.16 -13.35
CA ARG A 99 -6.70 -9.87 -14.76
C ARG A 99 -5.73 -8.75 -15.16
N HIS A 100 -5.21 -8.02 -14.17
CA HIS A 100 -4.27 -6.92 -14.40
C HIS A 100 -2.86 -7.23 -13.96
N MET A 101 -2.57 -8.52 -13.80
CA MET A 101 -1.23 -8.96 -13.39
C MET A 101 -0.18 -8.35 -14.32
N GLY A 102 0.85 -7.73 -13.75
CA GLY A 102 1.94 -7.14 -14.52
C GLY A 102 1.57 -5.81 -15.16
N ASP A 103 0.36 -5.33 -14.94
CA ASP A 103 -0.10 -4.18 -15.69
C ASP A 103 -0.18 -2.89 -14.85
N HIS A 104 0.87 -2.07 -14.92
CA HIS A 104 0.93 -0.87 -14.06
C HIS A 104 0.13 0.27 -14.62
N ARG A 105 -0.40 0.10 -15.84
CA ARG A 105 -1.23 1.14 -16.45
C ARG A 105 -2.68 1.12 -15.94
N ALA A 106 -3.16 -0.05 -15.50
CA ALA A 106 -4.49 -0.15 -14.90
C ALA A 106 -4.53 0.60 -13.57
N LYS A 107 -5.65 1.26 -13.28
CA LYS A 107 -5.83 1.99 -12.03
C LYS A 107 -5.77 1.03 -10.82
N PRO A 108 -5.32 1.51 -9.64
CA PRO A 108 -5.29 0.64 -8.47
C PRO A 108 -6.67 0.46 -7.80
N ARG A 109 -7.52 -0.41 -8.33
CA ARG A 109 -8.84 -0.52 -7.74
C ARG A 109 -8.95 -1.83 -6.98
N GLY A 110 -8.92 -1.74 -5.66
CA GLY A 110 -9.01 -2.91 -4.81
C GLY A 110 -10.40 -3.23 -4.30
N GLY A 111 -11.34 -2.32 -4.55
CA GLY A 111 -12.70 -2.45 -4.05
C GLY A 111 -12.91 -1.66 -2.78
N PRO A 112 -14.17 -1.44 -2.40
CA PRO A 112 -14.48 -0.64 -1.20
C PRO A 112 -14.15 -1.39 0.11
N PRO A 113 -13.98 -0.65 1.22
CA PRO A 113 -13.90 -1.39 2.49
C PRO A 113 -15.29 -1.93 2.86
N LEU A 114 -15.35 -3.00 3.64
CA LEU A 114 -16.63 -3.56 4.07
C LEU A 114 -17.01 -3.01 5.43
N PRO A 115 -18.26 -2.56 5.58
CA PRO A 115 -18.77 -2.10 6.90
C PRO A 115 -18.49 -3.12 8.01
N TYR A 116 -18.04 -2.65 9.17
CA TYR A 116 -17.54 -3.52 10.24
C TYR A 116 -18.66 -4.26 11.00
N GLU A 117 -19.90 -3.92 10.67
CA GLU A 117 -21.08 -4.65 11.16
C GLU A 117 -21.09 -6.09 10.67
N GLY A 118 -20.34 -6.40 9.61
CA GLY A 118 -20.14 -7.79 9.14
C GLY A 118 -19.08 -8.55 9.93
N GLY A 119 -18.56 -7.92 10.99
CA GLY A 119 -17.66 -8.58 11.88
C GLY A 119 -16.30 -8.78 11.23
N ALA A 120 -15.56 -9.72 11.81
CA ALA A 120 -14.19 -9.98 11.49
C ALA A 120 -13.98 -10.40 10.04
N ALA A 121 -14.92 -11.11 9.46
CA ALA A 121 -14.76 -11.47 8.06
C ALA A 121 -14.82 -10.21 7.21
N ALA A 122 -15.63 -9.23 7.63
CA ALA A 122 -15.74 -8.00 6.87
C ALA A 122 -14.48 -7.16 7.07
N ARG A 123 -14.06 -7.01 8.31
CA ARG A 123 -12.84 -6.31 8.65
C ARG A 123 -11.56 -6.85 7.97
N TYR A 124 -11.46 -8.15 7.82
CA TYR A 124 -10.29 -8.76 7.24
C TYR A 124 -10.49 -9.15 5.76
N PHE A 125 -11.58 -8.65 5.17
CA PHE A 125 -11.91 -8.98 3.79
C PHE A 125 -10.69 -8.94 2.85
N HIS A 126 -9.98 -7.81 2.84
CA HIS A 126 -8.90 -7.60 1.89
C HIS A 126 -7.64 -8.35 2.25
N VAL A 127 -7.52 -8.78 3.50
CA VAL A 127 -6.54 -9.79 3.83
C VAL A 127 -6.89 -11.12 3.13
N TYR A 128 -8.18 -11.49 3.06
CA TYR A 128 -8.53 -12.76 2.39
C TYR A 128 -8.28 -12.66 0.89
N VAL A 129 -8.54 -11.49 0.32
CA VAL A 129 -8.20 -11.21 -1.09
C VAL A 129 -6.70 -11.41 -1.31
N PHE A 130 -5.90 -10.89 -0.39
CA PHE A 130 -4.46 -10.95 -0.51
C PHE A 130 -4.00 -12.42 -0.38
N LEU A 131 -4.51 -13.13 0.63
CA LEU A 131 -4.15 -14.56 0.79
C LEU A 131 -4.55 -15.36 -0.45
N ALA A 132 -5.76 -15.15 -0.97
CA ALA A 132 -6.22 -15.88 -2.14
C ALA A 132 -5.43 -15.52 -3.40
N THR A 133 -4.72 -14.39 -3.37
CA THR A 133 -4.02 -13.92 -4.58
C THR A 133 -2.53 -14.21 -4.53
N VAL A 134 -2.02 -14.65 -3.38
CA VAL A 134 -0.58 -14.93 -3.25
C VAL A 134 -0.04 -15.95 -4.28
N PRO A 135 -0.74 -17.08 -4.48
CA PRO A 135 -0.28 -18.05 -5.47
C PRO A 135 -0.16 -17.44 -6.87
N ALA A 136 -1.16 -16.68 -7.32
CA ALA A 136 -1.09 -16.00 -8.62
C ALA A 136 0.13 -15.09 -8.76
N VAL A 137 0.34 -14.21 -7.79
CA VAL A 137 1.44 -13.28 -7.93
C VAL A 137 2.79 -13.98 -7.77
N ARG A 138 2.84 -15.03 -6.98
N ARG A 138 2.85 -15.04 -6.98
CA ARG A 138 4.09 -15.78 -6.85
CA ARG A 138 4.11 -15.77 -6.89
C ARG A 138 4.45 -16.49 -8.15
C ARG A 138 4.45 -16.47 -8.19
N ARG A 139 3.43 -16.91 -8.91
CA ARG A 139 3.65 -17.52 -10.24
C ARG A 139 4.20 -16.47 -11.19
N PHE A 140 3.62 -15.29 -11.16
CA PHE A 140 4.10 -14.19 -11.95
C PHE A 140 5.56 -13.91 -11.60
N HIS A 141 5.90 -13.90 -10.31
CA HIS A 141 7.29 -13.67 -9.88
C HIS A 141 8.24 -14.67 -10.50
N ALA A 142 7.86 -15.96 -10.38
CA ALA A 142 8.62 -17.06 -10.98
C ALA A 142 8.84 -16.82 -12.47
N GLU A 143 7.75 -16.56 -13.22
CA GLU A 143 7.85 -16.27 -14.64
C GLU A 143 8.81 -15.14 -14.99
N ARG A 144 8.85 -14.11 -14.15
CA ARG A 144 9.72 -12.97 -14.39
C ARG A 144 11.12 -13.21 -13.84
N GLY A 145 11.37 -14.41 -13.32
CA GLY A 145 12.64 -14.71 -12.72
C GLY A 145 12.99 -13.96 -11.44
N ILE A 146 12.01 -13.40 -10.74
CA ILE A 146 12.28 -12.67 -9.48
C ILE A 146 12.77 -13.65 -8.42
N PRO A 147 13.88 -13.34 -7.74
CA PRO A 147 14.31 -14.16 -6.58
C PRO A 147 13.22 -14.29 -5.53
N ASP A 148 13.08 -15.50 -4.98
CA ASP A 148 12.09 -15.78 -3.93
C ASP A 148 12.16 -14.81 -2.78
N GLU A 149 13.36 -14.49 -2.30
CA GLU A 149 13.46 -13.63 -1.12
C GLU A 149 13.00 -12.19 -1.44
N VAL A 150 13.12 -11.80 -2.70
CA VAL A 150 12.62 -10.47 -3.09
C VAL A 150 11.10 -10.48 -3.15
N GLY A 151 10.54 -11.49 -3.81
CA GLY A 151 9.08 -11.67 -3.84
C GLY A 151 8.46 -11.67 -2.46
N TRP A 152 9.02 -12.49 -1.55
CA TRP A 152 8.50 -12.56 -0.17
C TRP A 152 8.64 -11.26 0.55
N GLU A 153 9.84 -10.69 0.49
CA GLU A 153 10.12 -9.45 1.19
C GLU A 153 9.11 -8.38 0.75
N THR A 154 8.79 -8.34 -0.55
CA THR A 154 7.80 -7.40 -1.10
C THR A 154 6.41 -7.64 -0.49
N LEU A 155 5.99 -8.91 -0.41
CA LEU A 155 4.64 -9.24 0.08
C LEU A 155 4.44 -9.03 1.59
N THR A 156 5.55 -8.96 2.35
CA THR A 156 5.47 -8.75 3.82
C THR A 156 4.87 -7.41 4.24
N GLN A 157 4.73 -6.46 3.34
CA GLN A 157 4.07 -5.22 3.75
C GLN A 157 2.63 -5.49 4.22
N LEU A 158 2.07 -6.64 3.84
CA LEU A 158 0.75 -7.03 4.34
C LEU A 158 0.72 -6.94 5.88
N GLY A 159 1.72 -7.52 6.55
CA GLY A 159 1.81 -7.42 8.00
C GLY A 159 1.83 -5.99 8.51
N GLU A 160 2.65 -5.16 7.88
CA GLU A 160 2.79 -3.77 8.28
C GLU A 160 1.45 -3.09 8.22
N LEU A 161 0.72 -3.31 7.13
CA LEU A 161 -0.53 -2.59 6.90
C LEU A 161 -1.61 -3.14 7.81
N VAL A 162 -1.49 -4.42 8.16
CA VAL A 162 -2.44 -4.98 9.14
C VAL A 162 -2.19 -4.35 10.51
N ALA A 163 -0.92 -4.35 10.97
CA ALA A 163 -0.53 -3.72 12.24
C ALA A 163 -0.95 -2.25 12.32
N ILE A 164 -0.75 -1.52 11.22
CA ILE A 164 -1.13 -0.12 11.13
C ILE A 164 -2.62 0.09 11.35
N HIS A 165 -3.45 -0.78 10.77
CA HIS A 165 -4.90 -0.68 10.98
C HIS A 165 -5.18 -0.72 12.46
N ARG A 166 -4.54 -1.66 13.17
CA ARG A 166 -4.80 -1.84 14.60
C ARG A 166 -4.40 -0.60 15.38
N ARG A 167 -3.18 -0.09 15.15
CA ARG A 167 -2.72 1.11 15.84
C ARG A 167 -3.65 2.29 15.58
N LYS A 168 -4.05 2.46 14.34
CA LYS A 168 -4.85 3.61 13.97
C LYS A 168 -6.30 3.57 14.48
N TYR A 169 -6.88 2.38 14.59
CA TYR A 169 -8.34 2.29 14.81
C TYR A 169 -8.77 1.51 16.04
N GLY A 170 -7.88 0.70 16.58
CA GLY A 170 -8.22 -0.06 17.77
C GLY A 170 -8.59 -1.53 17.60
N GLN A 171 -9.03 -1.96 16.40
CA GLN A 171 -9.17 -3.40 16.15
C GLN A 171 -8.55 -3.88 14.82
N GLY A 172 -8.58 -5.20 14.61
CA GLY A 172 -8.03 -5.81 13.42
C GLY A 172 -8.72 -5.37 12.14
N GLY A 173 -7.93 -5.28 11.07
CA GLY A 173 -8.41 -4.88 9.74
C GLY A 173 -7.25 -4.64 8.78
N MET A 174 -7.57 -4.19 7.57
CA MET A 174 -6.56 -3.78 6.63
C MET A 174 -7.31 -3.03 5.54
N ASN A 175 -7.27 -1.70 5.61
CA ASN A 175 -8.08 -0.89 4.71
C ASN A 175 -7.29 -0.10 3.64
N MET A 176 -6.12 -0.62 3.29
CA MET A 176 -5.20 -0.03 2.34
C MET A 176 -5.14 -0.96 1.13
N GLN A 177 -6.32 -1.42 0.69
CA GLN A 177 -6.38 -2.46 -0.34
C GLN A 177 -6.03 -1.93 -1.72
N TRP A 178 -6.20 -0.61 -1.90
CA TRP A 178 -5.83 0.09 -3.12
C TRP A 178 -4.34 -0.01 -3.30
N TRP A 179 -3.60 0.06 -2.20
CA TRP A 179 -2.15 -0.02 -2.23
C TRP A 179 -1.69 -1.45 -2.47
N THR A 180 -2.29 -2.41 -1.75
CA THR A 180 -1.94 -3.85 -1.99
C THR A 180 -2.19 -4.36 -3.41
N THR A 181 -3.00 -3.64 -4.22
CA THR A 181 -3.12 -4.02 -5.65
C THR A 181 -1.75 -3.99 -6.38
N TYR A 182 -0.85 -3.12 -5.93
CA TYR A 182 0.52 -3.05 -6.51
C TYR A 182 1.30 -4.31 -6.22
N HIS A 183 1.40 -4.72 -4.95
CA HIS A 183 2.09 -5.95 -4.61
C HIS A 183 1.50 -7.10 -5.37
N LEU A 184 0.17 -7.20 -5.33
CA LEU A 184 -0.55 -8.34 -5.90
C LEU A 184 -0.51 -8.44 -7.42
N ARG A 185 -0.29 -7.31 -8.10
CA ARG A 185 -0.11 -7.39 -9.55
C ARG A 185 1.37 -7.50 -9.96
N GLY A 186 2.27 -7.61 -8.99
CA GLY A 186 3.67 -7.82 -9.37
C GLY A 186 4.27 -6.62 -10.09
N ILE A 187 3.75 -5.43 -9.78
CA ILE A 187 4.27 -4.18 -10.32
C ILE A 187 5.02 -3.34 -9.26
N LEU A 188 5.25 -3.88 -8.08
CA LEU A 188 5.99 -3.17 -7.02
C LEU A 188 6.90 -4.17 -6.36
N TYR A 189 8.13 -3.77 -6.06
CA TYR A 189 9.12 -4.68 -5.50
C TYR A 189 9.86 -3.94 -4.42
N ARG A 190 10.01 -4.59 -3.27
CA ARG A 190 10.83 -4.01 -2.20
C ARG A 190 12.27 -4.47 -2.42
N LEU A 191 13.19 -3.52 -2.57
CA LEU A 191 14.59 -3.82 -2.83
C LEU A 191 15.45 -3.31 -1.67
N GLY A 192 15.29 -3.91 -0.51
CA GLY A 192 15.97 -3.42 0.70
C GLY A 192 15.11 -2.40 1.40
N ARG A 193 15.69 -1.25 1.76
CA ARG A 193 14.90 -0.28 2.52
C ARG A 193 13.75 0.37 1.72
N LEU A 194 13.94 0.57 0.41
CA LEU A 194 12.93 1.21 -0.43
C LEU A 194 12.12 0.22 -1.29
N GLN A 195 10.94 0.65 -1.74
CA GLN A 195 10.20 -0.08 -2.77
C GLN A 195 10.24 0.71 -4.07
N PHE A 196 10.09 -0.01 -5.19
CA PHE A 196 10.03 0.60 -6.51
C PHE A 196 8.86 0.03 -7.28
N SER A 197 8.10 0.91 -7.91
CA SER A 197 6.97 0.48 -8.71
C SER A 197 7.21 0.80 -10.17
N LEU A 198 6.80 -0.11 -11.05
CA LEU A 198 6.75 0.19 -12.48
C LEU A 198 5.79 1.35 -12.69
N ALA A 199 6.22 2.37 -13.39
CA ALA A 199 5.35 3.53 -13.57
C ALA A 199 5.59 4.21 -14.90
N THR A 200 4.65 5.05 -15.30
CA THR A 200 4.83 5.86 -16.50
C THR A 200 4.24 7.25 -16.32
N GLY A 201 4.92 8.28 -16.80
CA GLY A 201 4.37 9.66 -16.71
C GLY A 201 3.19 9.86 -17.66
N LYS A 202 2.55 11.03 -17.58
CA LYS A 202 1.41 11.35 -18.48
C LYS A 202 1.78 11.24 -19.95
N ASP A 203 3.04 11.48 -20.27
CA ASP A 203 3.54 11.37 -21.64
C ASP A 203 4.00 9.94 -21.93
N GLY A 204 3.68 8.99 -21.04
CA GLY A 204 4.08 7.58 -21.24
C GLY A 204 5.55 7.21 -21.01
N THR A 205 6.39 8.17 -20.65
CA THR A 205 7.80 7.84 -20.37
C THR A 205 7.87 6.94 -19.11
N PRO A 206 8.56 5.79 -19.19
CA PRO A 206 8.70 4.93 -18.02
C PRO A 206 9.60 5.57 -16.97
N HIS A 207 9.20 5.42 -15.71
CA HIS A 207 10.08 5.70 -14.58
C HIS A 207 9.77 4.65 -13.52
N LEU A 208 10.46 4.72 -12.39
CA LEU A 208 10.15 3.87 -11.26
C LEU A 208 9.64 4.75 -10.12
N GLY A 209 8.52 4.36 -9.54
CA GLY A 209 8.02 5.13 -8.40
C GLY A 209 8.75 4.64 -7.17
N LEU A 210 9.07 5.55 -6.26
CA LEU A 210 9.93 5.21 -5.14
C LEU A 210 9.10 5.39 -3.90
N HIS A 211 9.13 4.41 -3.01
CA HIS A 211 8.26 4.42 -1.84
C HIS A 211 9.01 3.97 -0.63
N VAL A 212 8.61 4.46 0.53
CA VAL A 212 9.28 4.08 1.77
C VAL A 212 8.25 3.37 2.68
N PRO A 213 8.34 2.03 2.82
CA PRO A 213 7.48 1.33 3.77
C PRO A 213 7.88 1.73 5.19
N GLU A 214 6.93 1.68 6.12
CA GLU A 214 7.23 2.01 7.52
C GLU A 214 8.27 1.07 8.15
N TRP A 215 8.05 -0.24 8.06
CA TRP A 215 8.90 -1.22 8.70
C TRP A 215 10.28 -1.30 8.13
N GLY A 216 11.27 -1.52 8.99
CA GLY A 216 12.64 -1.62 8.53
C GLY A 216 13.56 -0.57 9.14
N GLY A 217 13.05 0.17 10.13
CA GLY A 217 13.89 1.13 10.82
C GLY A 217 14.09 2.44 10.09
N PRO A 218 14.99 3.30 10.61
CA PRO A 218 15.16 4.63 10.06
C PRO A 218 15.74 4.59 8.64
N LEU A 219 15.60 5.68 7.92
CA LEU A 219 15.95 5.71 6.53
C LEU A 219 17.40 6.14 6.43
N LEU A 220 18.30 5.19 6.69
CA LEU A 220 19.69 5.48 6.78
C LEU A 220 20.25 5.73 5.37
N PRO A 221 21.07 6.79 5.18
CA PRO A 221 21.72 7.06 3.89
C PRO A 221 22.29 5.81 3.22
N LYS A 222 22.98 4.99 3.99
CA LYS A 222 23.57 3.79 3.45
C LYS A 222 22.51 2.74 2.96
N ALA A 223 21.39 2.63 3.65
CA ALA A 223 20.34 1.71 3.24
C ALA A 223 19.64 2.29 1.99
N TYR A 224 19.27 3.57 2.07
CA TYR A 224 18.72 4.29 0.93
C TYR A 224 19.58 4.09 -0.34
N ASP A 225 20.88 4.36 -0.21
CA ASP A 225 21.82 4.33 -1.34
C ASP A 225 21.94 2.94 -2.00
N GLU A 226 21.97 1.92 -1.17
CA GLU A 226 21.93 0.52 -1.58
C GLU A 226 20.68 0.19 -2.35
N SER A 227 19.52 0.60 -1.83
CA SER A 227 18.27 0.39 -2.57
C SER A 227 18.33 1.03 -3.96
N LEU A 228 18.81 2.27 -4.01
CA LEU A 228 18.94 2.96 -5.31
C LEU A 228 19.85 2.23 -6.28
N HIS A 229 20.91 1.61 -5.76
CA HIS A 229 21.81 0.87 -6.62
C HIS A 229 21.21 -0.39 -7.16
N ARG A 230 20.21 -0.91 -6.47
CA ARG A 230 19.58 -2.15 -6.88
C ARG A 230 18.53 -1.95 -7.99
N ALA A 231 17.97 -0.75 -8.08
CA ALA A 231 16.77 -0.54 -8.88
C ALA A 231 16.96 -0.82 -10.41
N ARG A 232 17.87 -0.10 -11.05
CA ARG A 232 18.11 -0.38 -12.48
C ARG A 232 18.43 -1.83 -12.82
N PRO A 233 19.48 -2.42 -12.18
CA PRO A 233 19.80 -3.81 -12.48
C PRO A 233 18.61 -4.77 -12.29
N PHE A 234 17.79 -4.54 -11.27
CA PHE A 234 16.63 -5.39 -11.04
C PHE A 234 15.59 -5.24 -12.15
N PHE A 235 15.23 -4.00 -12.44
CA PHE A 235 14.18 -3.83 -13.43
C PHE A 235 14.66 -4.14 -14.86
N ASP A 236 15.91 -3.83 -15.16
CA ASP A 236 16.45 -4.17 -16.49
C ASP A 236 16.61 -5.64 -16.71
N ARG A 237 16.93 -6.40 -15.65
CA ARG A 237 16.94 -7.87 -15.78
C ARG A 237 15.54 -8.48 -15.92
N HIS A 238 14.60 -8.15 -15.03
CA HIS A 238 13.34 -8.87 -15.02
C HIS A 238 12.23 -8.19 -15.79
N PHE A 239 12.34 -6.89 -16.02
CA PHE A 239 11.35 -6.13 -16.83
C PHE A 239 12.09 -5.28 -17.86
N PRO A 240 12.82 -5.94 -18.77
CA PRO A 240 13.73 -5.20 -19.65
C PRO A 240 12.95 -4.31 -20.58
N GLU A 241 11.69 -4.62 -20.83
CA GLU A 241 10.88 -3.80 -21.70
C GLU A 241 10.62 -2.41 -21.12
N HIS A 242 10.83 -2.21 -19.82
CA HIS A 242 10.43 -0.92 -19.21
C HIS A 242 11.43 0.20 -19.45
N GLY A 243 12.70 -0.04 -19.10
CA GLY A 243 13.75 0.93 -19.39
C GLY A 243 13.76 2.26 -18.68
N ALA A 244 13.34 2.33 -17.41
CA ALA A 244 13.37 3.58 -16.67
C ALA A 244 14.79 3.99 -16.30
N ARG A 245 15.04 5.30 -16.30
CA ARG A 245 16.36 5.89 -15.92
C ARG A 245 16.27 6.72 -14.65
N VAL A 246 15.04 6.97 -14.24
CA VAL A 246 14.74 7.95 -13.23
C VAL A 246 13.69 7.42 -12.24
N ALA A 247 13.81 7.83 -10.99
CA ALA A 247 12.84 7.48 -9.96
C ALA A 247 12.09 8.75 -9.58
N TRP A 248 10.79 8.63 -9.36
N TRP A 248 10.78 8.60 -9.39
CA TRP A 248 9.97 9.78 -8.96
CA TRP A 248 9.90 9.69 -8.96
C TRP A 248 9.28 9.46 -7.66
C TRP A 248 9.47 9.41 -7.56
N GLY A 249 9.21 10.47 -6.79
CA GLY A 249 8.54 10.35 -5.50
C GLY A 249 7.59 11.51 -5.27
N SER A 250 6.46 11.23 -4.64
CA SER A 250 5.58 12.29 -4.13
C SER A 250 5.47 11.97 -2.69
N SER A 251 5.68 12.97 -1.85
CA SER A 251 5.69 12.71 -0.43
C SER A 251 5.69 13.98 0.40
N TRP A 252 5.07 13.85 1.58
CA TRP A 252 5.23 14.82 2.63
C TRP A 252 6.70 15.04 2.94
N MET A 253 7.53 14.01 2.76
CA MET A 253 8.88 14.12 3.28
C MET A 253 9.81 14.92 2.33
N LEU A 254 9.25 15.27 1.17
CA LEU A 254 9.89 16.16 0.21
C LEU A 254 9.50 17.65 0.42
N ASP A 255 8.73 17.95 1.47
CA ASP A 255 8.39 19.35 1.77
C ASP A 255 9.61 20.09 2.31
N PRO A 256 10.07 21.11 1.58
CA PRO A 256 11.22 21.87 2.06
C PRO A 256 10.91 22.56 3.41
N GLN A 257 9.63 22.77 3.71
CA GLN A 257 9.26 23.37 4.97
C GLN A 257 9.76 22.61 6.20
N LEU A 258 10.12 21.33 6.03
CA LEU A 258 10.64 20.51 7.13
C LEU A 258 11.97 21.02 7.64
N GLU A 259 12.67 21.79 6.80
CA GLU A 259 13.99 22.33 7.12
C GLU A 259 13.90 23.29 8.31
N GLU A 260 12.75 23.96 8.45
CA GLU A 260 12.46 24.81 9.62
C GLU A 260 12.57 24.05 10.94
N TYR A 261 12.17 22.78 10.97
CA TYR A 261 12.08 22.10 12.25
C TYR A 261 13.08 20.99 12.44
N LEU A 262 13.43 20.29 11.37
CA LEU A 262 14.33 19.17 11.52
C LEU A 262 15.77 19.66 11.39
N THR A 263 16.67 18.94 12.05
CA THR A 263 18.05 19.35 12.13
C THR A 263 18.88 18.62 11.08
N GLU A 264 20.19 18.59 11.31
CA GLU A 264 21.12 18.09 10.31
C GLU A 264 21.35 16.59 10.42
N ASP A 265 21.07 16.00 11.56
CA ASP A 265 21.22 14.56 11.66
C ASP A 265 19.99 13.82 11.06
N SER A 266 18.88 14.55 10.89
CA SER A 266 17.67 13.99 10.25
C SER A 266 17.96 13.39 8.88
N ASN A 267 17.67 12.09 8.75
CA ASN A 267 17.85 11.37 7.48
C ASN A 267 17.01 11.96 6.34
N ILE A 268 15.79 12.41 6.66
CA ILE A 268 14.94 13.06 5.66
C ILE A 268 15.58 14.32 5.12
N ILE A 269 16.17 15.13 6.00
CA ILE A 269 16.83 16.35 5.55
C ILE A 269 18.06 16.05 4.68
N GLN A 270 18.89 15.11 5.10
CA GLN A 270 20.04 14.74 4.29
C GLN A 270 19.64 14.15 2.91
N LEU A 271 18.68 13.22 2.89
CA LEU A 271 18.33 12.54 1.65
C LEU A 271 17.57 13.45 0.68
N ALA A 272 16.71 14.33 1.19
CA ALA A 272 15.93 15.25 0.34
C ALA A 272 16.83 16.14 -0.50
N ARG A 273 18.04 16.39 0.02
CA ARG A 273 19.00 17.24 -0.67
C ARG A 273 19.43 16.69 -2.02
N PHE A 274 19.24 15.40 -2.26
CA PHE A 274 19.62 14.83 -3.55
C PHE A 274 18.53 15.01 -4.58
N TRP A 275 17.33 15.38 -4.11
CA TRP A 275 16.16 15.37 -4.97
C TRP A 275 15.99 16.65 -5.73
N THR A 276 15.49 16.57 -6.96
CA THR A 276 15.15 17.77 -7.72
C THR A 276 13.63 17.87 -7.80
N LEU A 277 13.05 18.84 -7.08
CA LEU A 277 11.60 19.05 -7.11
C LEU A 277 11.07 19.58 -8.45
N THR A 278 9.93 19.07 -8.89
CA THR A 278 9.42 19.42 -10.22
C THR A 278 8.04 20.06 -10.20
N ASP A 279 7.37 20.06 -9.06
CA ASP A 279 6.08 20.74 -8.98
C ASP A 279 6.30 22.19 -8.51
N SER A 280 5.29 23.04 -8.71
CA SER A 280 5.38 24.43 -8.34
C SER A 280 5.26 24.57 -6.84
N ALA A 281 5.91 25.60 -6.29
CA ALA A 281 5.73 25.94 -4.89
C ALA A 281 4.22 26.09 -4.67
N PRO A 282 3.64 25.33 -3.74
CA PRO A 282 2.19 25.34 -3.53
C PRO A 282 1.70 26.60 -2.87
N GLU A 283 0.43 26.93 -3.08
CA GLU A 283 -0.20 28.06 -2.39
C GLU A 283 -0.14 27.90 -0.88
N PRO A 284 0.21 28.98 -0.15
CA PRO A 284 0.36 28.85 1.30
C PRO A 284 -0.92 28.36 1.97
N GLY A 285 -2.07 28.73 1.39
CA GLY A 285 -3.38 28.40 1.96
C GLY A 285 -3.95 27.04 1.60
N ASN A 286 -3.32 26.35 0.65
CA ASN A 286 -3.72 24.99 0.26
C ASN A 286 -3.49 23.98 1.39
N ALA A 287 -4.53 23.20 1.72
CA ALA A 287 -4.54 22.33 2.92
C ALA A 287 -4.39 20.81 2.69
N ASP A 288 -4.34 20.39 1.41
CA ASP A 288 -4.31 18.96 1.02
C ASP A 288 -3.26 18.08 1.70
N GLY A 289 -2.01 18.54 1.72
CA GLY A 289 -0.91 17.77 2.30
C GLY A 289 -0.96 17.60 3.81
N ASP A 290 -1.91 18.25 4.46
CA ASP A 290 -2.09 18.12 5.90
C ASP A 290 -2.45 16.70 6.32
N SER A 291 -3.47 16.12 5.68
CA SER A 291 -3.95 14.81 6.12
C SER A 291 -2.91 13.72 5.87
N SER A 292 -2.13 13.88 4.81
CA SER A 292 -1.06 12.93 4.48
C SER A 292 0.04 12.89 5.54
N ILE A 293 0.57 14.06 5.92
CA ILE A 293 1.63 14.08 6.93
C ILE A 293 1.08 13.60 8.28
N LEU A 294 -0.17 13.99 8.58
CA LEU A 294 -0.83 13.53 9.81
C LEU A 294 -0.96 11.99 9.82
N GLU A 295 -1.41 11.44 8.69
CA GLU A 295 -1.45 9.97 8.50
C GLU A 295 -0.09 9.32 8.74
N PHE A 296 0.95 9.79 8.05
CA PHE A 296 2.24 9.11 8.16
C PHE A 296 3.00 9.33 9.45
N VAL A 297 2.74 10.44 10.12
CA VAL A 297 3.40 10.69 11.40
C VAL A 297 2.62 10.11 12.59
N PHE A 298 1.31 10.25 12.58
CA PHE A 298 0.52 9.84 13.72
C PHE A 298 -0.48 8.72 13.42
N ARG A 299 -0.58 8.30 12.16
CA ARG A 299 -1.70 7.47 11.74
C ARG A 299 -2.98 8.15 12.20
N TYR A 300 -3.11 9.41 11.82
CA TYR A 300 -4.10 10.32 12.40
C TYR A 300 -5.57 9.93 12.12
N ASN A 301 -6.29 9.71 13.22
CA ASN A 301 -7.68 9.29 13.16
C ASN A 301 -8.58 10.32 13.83
N GLY A 302 -8.73 11.48 13.17
CA GLY A 302 -9.63 12.54 13.61
C GLY A 302 -9.45 13.23 14.96
N GLN A 303 -8.54 12.74 15.81
CA GLN A 303 -8.47 13.24 17.19
C GLN A 303 -7.85 14.64 17.34
N PRO A 304 -8.35 15.45 18.31
CA PRO A 304 -7.83 16.80 18.55
C PRO A 304 -6.33 16.81 18.86
N LEU A 305 -5.64 17.75 18.23
CA LEU A 305 -4.19 17.73 18.05
C LEU A 305 -3.33 17.69 19.32
N ASP A 306 -3.93 18.09 20.45
CA ASP A 306 -3.19 18.14 21.71
C ASP A 306 -2.99 16.76 22.35
N GLU A 307 -3.83 15.79 21.96
CA GLU A 307 -3.70 14.41 22.44
C GLU A 307 -2.52 13.69 21.80
N LEU A 308 -2.22 14.06 20.55
CA LEU A 308 -1.19 13.39 19.75
C LEU A 308 0.16 13.45 20.46
N PRO A 309 0.94 12.34 20.43
CA PRO A 309 2.21 12.37 21.17
C PRO A 309 3.15 13.46 20.67
N GLN A 310 4.19 13.76 21.44
CA GLN A 310 5.12 14.83 21.08
C GLN A 310 6.55 14.40 21.35
N ARG A 311 6.78 13.09 21.33
CA ARG A 311 8.07 12.53 21.74
C ARG A 311 9.27 12.74 20.79
N SER A 312 9.00 13.03 19.50
CA SER A 312 10.07 13.26 18.51
C SER A 312 9.98 14.67 17.93
N SER A 313 11.11 15.16 17.42
CA SER A 313 11.15 16.50 16.83
C SER A 313 10.14 16.69 15.70
N LEU A 314 9.94 15.64 14.89
CA LEU A 314 8.95 15.66 13.80
C LEU A 314 7.52 15.74 14.34
N GLU A 315 7.22 14.93 15.34
CA GLU A 315 5.92 15.01 15.99
C GLU A 315 5.63 16.46 16.44
N ARG A 316 6.62 17.09 17.08
CA ARG A 316 6.47 18.48 17.59
C ARG A 316 6.31 19.47 16.44
N ALA A 317 7.18 19.30 15.45
CA ALA A 317 7.17 20.10 14.25
C ALA A 317 5.80 20.18 13.58
N VAL A 318 5.16 19.03 13.35
CA VAL A 318 3.96 19.05 12.49
C VAL A 318 2.76 19.68 13.20
N ILE A 319 2.74 19.52 14.52
CA ILE A 319 1.75 20.19 15.35
C ILE A 319 1.97 21.71 15.34
N ALA A 320 3.13 22.15 15.86
CA ALA A 320 3.52 23.57 15.84
C ALA A 320 3.10 24.28 14.54
N HIS A 321 3.51 23.72 13.40
CA HIS A 321 3.28 24.31 12.08
C HIS A 321 1.81 24.46 11.80
N LEU A 322 1.04 23.46 12.19
CA LEU A 322 -0.42 23.47 12.00
C LEU A 322 -1.11 24.45 12.96
N LYS A 323 -0.68 24.42 14.22
CA LYS A 323 -1.13 25.37 15.24
C LYS A 323 -0.96 26.82 14.79
N ALA A 324 0.23 27.12 14.25
CA ALA A 324 0.55 28.44 13.73
C ALA A 324 -0.27 28.84 12.51
N GLY A 325 -1.29 28.04 12.17
CA GLY A 325 -2.15 28.35 11.02
C GLY A 325 -1.48 28.06 9.68
N ARG A 326 -0.40 27.28 9.70
CA ARG A 326 0.30 26.96 8.47
C ARG A 326 0.00 25.54 7.98
N HIS A 327 0.43 25.25 6.74
CA HIS A 327 0.10 24.00 6.06
C HIS A 327 1.28 23.25 5.51
N TRP A 328 1.16 21.92 5.51
CA TRP A 328 2.15 21.03 4.92
C TRP A 328 1.71 20.63 3.55
N HIS A 329 2.68 20.40 2.66
CA HIS A 329 2.37 20.06 1.27
C HIS A 329 3.11 18.85 0.79
N MET A 330 2.49 18.11 -0.11
CA MET A 330 3.18 17.01 -0.78
C MET A 330 3.97 17.56 -1.94
N ARG A 331 5.24 17.23 -2.00
CA ARG A 331 6.03 17.68 -3.11
C ARG A 331 6.44 16.50 -3.98
N THR A 332 6.73 16.78 -5.24
CA THR A 332 7.10 15.76 -6.21
C THR A 332 8.49 16.08 -6.76
N GLY A 333 9.31 15.05 -6.92
CA GLY A 333 10.66 15.25 -7.44
C GLY A 333 11.23 13.97 -7.99
N PHE A 334 12.48 14.03 -8.44
CA PHE A 334 13.11 12.87 -9.04
C PHE A 334 14.60 12.79 -8.66
N VAL A 335 15.13 11.57 -8.67
CA VAL A 335 16.56 11.35 -8.70
C VAL A 335 16.85 10.39 -9.85
N LYS A 336 17.98 10.62 -10.49
CA LYS A 336 18.48 9.76 -11.54
C LYS A 336 18.89 8.43 -10.92
N LEU A 337 18.47 7.32 -11.52
CA LEU A 337 18.86 6.01 -10.99
C LEU A 337 20.34 5.79 -11.25
N PRO A 338 21.13 5.48 -10.20
CA PRO A 338 22.56 5.20 -10.42
C PRO A 338 22.80 4.01 -11.33
S SO4 B . -8.70 1.05 -15.83
O1 SO4 B . -9.65 1.17 -14.69
O2 SO4 B . -8.92 -0.20 -16.58
O3 SO4 B . -8.90 2.21 -16.72
O4 SO4 B . -7.31 1.08 -15.31
S SO4 C . 4.36 13.75 -17.10
O1 SO4 C . 5.76 13.80 -16.63
O2 SO4 C . 3.53 13.02 -16.11
O3 SO4 C . 3.84 15.14 -17.25
O4 SO4 C . 4.35 13.04 -18.41
S SO4 D . 24.00 3.17 -18.93
O1 SO4 D . 24.22 3.99 -17.72
O2 SO4 D . 25.28 2.56 -19.37
O3 SO4 D . 23.05 2.08 -18.64
O4 SO4 D . 23.45 4.02 -20.01
C1 GCS E . 0.98 6.42 -0.26
C1 GCS E . 1.04 6.40 -0.50
C2 GCS E . 0.67 5.04 0.35
C2 GCS E . 0.69 5.04 0.08
C3 GCS E . 1.92 4.51 1.03
C3 GCS E . 1.95 4.56 0.74
C4 GCS E . 3.09 4.47 0.06
C4 GCS E . 3.06 4.39 -0.29
C5 GCS E . 3.22 5.82 -0.65
C5 GCS E . 3.23 5.70 -1.03
C6 GCS E . 4.24 5.81 -1.76
C6 GCS E . 4.18 5.65 -2.18
N2 GCS E . -0.41 5.17 1.30
N2 GCS E . -0.35 5.18 1.05
O1 GCS E . -0.18 7.07 -0.81
O1 GCS E . -0.09 7.16 -0.92
O3 GCS E . 1.70 3.22 1.60
O3 GCS E . 1.77 3.39 1.50
O4 GCS E . 4.27 4.17 0.81
O4 GCS E . 4.21 4.11 0.48
O5 GCS E . 1.99 6.21 -1.26
O5 GCS E . 1.97 6.13 -1.55
O6 GCS E . 4.36 7.12 -2.31
O6 GCS E . 4.93 6.81 -1.93
N1A CO8 F . 6.61 9.27 13.17
C2A CO8 F . 7.15 9.79 14.29
N3A CO8 F . 8.39 10.30 14.35
C4A CO8 F . 9.19 10.33 13.26
C5A CO8 F . 8.68 9.78 12.00
C6A CO8 F . 7.30 9.23 12.02
N6A CO8 F . 6.75 8.70 10.89
N7A CO8 F . 9.65 9.93 11.09
C8A CO8 F . 10.71 10.51 11.70
N9A CO8 F . 10.43 10.75 12.99
C1B CO8 F . 11.35 11.41 13.96
C2B CO8 F . 12.64 10.65 14.17
O2B CO8 F . 12.49 9.69 15.20
C3B CO8 F . 13.60 11.79 14.52
O3B CO8 F . 13.32 12.15 15.86
P3B CO8 F . 14.29 12.99 16.84
O7A CO8 F . 14.92 14.11 16.05
O8A CO8 F . 13.24 13.48 17.83
O9A CO8 F . 15.30 11.96 17.31
C4B CO8 F . 13.12 12.95 13.65
O4B CO8 F . 11.71 12.74 13.49
C5B CO8 F . 13.84 13.03 12.31
O5B CO8 F . 13.81 11.74 11.70
P1A CO8 F . 14.52 11.35 10.31
O1A CO8 F . 14.36 12.50 9.34
O2A CO8 F . 15.88 10.77 10.58
O3A CO8 F . 13.57 10.12 9.82
P2A CO8 F . 13.81 8.54 10.14
O4A CO8 F . 14.88 7.95 9.28
O5A CO8 F . 13.97 8.41 11.63
O6A CO8 F . 12.36 7.95 9.71
CBP CO8 F . 10.82 6.95 8.16
CCP CO8 F . 11.89 8.02 8.36
CDP CO8 F . 11.37 5.58 8.51
CEP CO8 F . 10.48 6.93 6.68
CAP CO8 F . 9.56 7.27 9.00
OAP CO8 F . 9.12 8.62 8.74
C9P CO8 F . 8.39 6.34 8.75
O9P CO8 F . 8.48 5.17 9.05
N8P CO8 F . 7.28 6.87 8.23
C7P CO8 F . 6.15 6.09 7.74
C6P CO8 F . 6.34 5.72 6.26
C5P CO8 F . 6.26 6.94 5.37
O5P CO8 F . 6.04 8.04 5.84
N4P CO8 F . 6.41 6.70 4.07
C3P CO8 F . 6.35 7.78 3.09
C2P CO8 F . 5.08 7.70 2.30
S1P CO8 F . 5.20 8.66 0.82
C1' CO8 F . 6.41 7.83 -0.09
O1' CO8 F . 6.65 6.64 0.11
C2' CO8 F . 7.22 8.50 -1.18
C3' CO8 F . 8.73 8.63 -0.86
C4' CO8 F . 9.39 9.84 -1.54
C5' CO8 F . 10.91 9.85 -1.45
C6' CO8 F . 11.53 10.93 -0.57
C7' CO8 F . 12.98 10.58 -0.21
C8' CO8 F . 13.50 11.31 1.02
#